data_7V36
#
_entry.id   7V36
#
_cell.length_a   100.905
_cell.length_b   100.905
_cell.length_c   132.771
_cell.angle_alpha   90.000
_cell.angle_beta   90.000
_cell.angle_gamma   120.000
#
_symmetry.space_group_name_H-M   'P 61 2 2'
#
loop_
_entity.id
_entity.type
_entity.pdbx_description
1 polymer dioxygenase
2 non-polymer (3Z,6S)-3-[(2R)-2-methyl-2,3-bis(oxidanyl)propylidene]-6-[(2S)-4-oxidanylbutan-2-yl]piperazine-2,5-dione
3 non-polymer '2-OXOGLUTARIC ACID'
4 non-polymer 'FE (II) ION'
5 non-polymer GLYCEROL
6 non-polymer 'CHLORIDE ION'
7 water water
#
_entity_poly.entity_id   1
_entity_poly.type   'polypeptide(L)'
_entity_poly.pdbx_seq_one_letter_code
;MTDHARGTLPEIRRGRIYRDVYHKRVDEEPVDRTADLERARLGDDGLDFQDDAAQARAFAQGVFLLEIPEWLDLSAGDRF
ARQFFQGTGVEPYGKYRDLSSEHFGDELLGYHSRVDQLEQFLLERRFWGEVYPSEIATLGEHLTLLSHRVLRSVLASAGI
PEEDWHRASGGCSETNGSYHLTFNHYRSAHQDIGLSSHKDDGFITVLRTTAQGLEVNRDDVWEKVPVDPACFVVNFGLSM
EILTSACVTPLSAIMHRVSHQNFDRSSFGHFSSSRCLPGADDGIYRYLPSAGLERVCGSRELIEENDHEIYMGTEGQGLE
HHHHHHHH
;
_entity_poly.pdbx_strand_id   A
#
loop_
_chem_comp.id
_chem_comp.type
_chem_comp.name
_chem_comp.formula
5P0 non-polymer (3Z,6S)-3-[(2R)-2-methyl-2,3-bis(oxidanyl)propylidene]-6-[(2S)-4-oxidanylbutan-2-yl]piperazine-2,5-dione 'C12 H20 N2 O5'
AKG non-polymer '2-OXOGLUTARIC ACID' 'C5 H6 O5'
CL non-polymer 'CHLORIDE ION' 'Cl -1'
FE2 non-polymer 'FE (II) ION' 'Fe 2'
GOL non-polymer GLYCEROL 'C3 H8 O3'
#
# COMPACT_ATOMS: atom_id res chain seq x y z
N ARG A 33 12.19 -10.36 18.23
CA ARG A 33 11.57 -11.31 17.31
C ARG A 33 11.49 -10.77 15.89
N THR A 34 11.90 -11.58 14.93
CA THR A 34 11.83 -11.21 13.51
C THR A 34 10.92 -12.21 12.80
N ALA A 35 9.99 -11.70 12.01
CA ALA A 35 9.05 -12.56 11.31
C ALA A 35 9.75 -13.33 10.18
N ASP A 36 9.38 -14.59 10.01
CA ASP A 36 9.88 -15.39 8.89
C ASP A 36 8.83 -15.33 7.78
N LEU A 37 9.01 -14.38 6.87
CA LEU A 37 8.04 -14.17 5.81
C LEU A 37 8.35 -15.04 4.61
N GLU A 38 7.31 -15.46 3.90
CA GLU A 38 7.52 -16.14 2.63
C GLU A 38 8.02 -15.15 1.59
N ARG A 39 8.84 -15.64 0.69
CA ARG A 39 9.36 -14.83 -0.42
C ARG A 39 8.73 -15.29 -1.72
N ALA A 40 8.25 -14.33 -2.52
CA ALA A 40 7.68 -14.62 -3.83
C ALA A 40 8.40 -13.81 -4.90
N ARG A 41 8.10 -14.17 -6.14
CA ARG A 41 8.66 -13.52 -7.32
C ARG A 41 7.54 -13.46 -8.34
N LEU A 42 7.57 -12.44 -9.21
CA LEU A 42 6.65 -12.41 -10.35
C LEU A 42 7.29 -13.14 -11.53
N GLY A 43 6.63 -14.18 -12.00
CA GLY A 43 7.17 -14.95 -13.11
C GLY A 43 6.21 -15.10 -14.27
N ASP A 44 6.50 -16.05 -15.16
CA ASP A 44 5.76 -16.14 -16.41
C ASP A 44 4.27 -16.38 -16.21
N ASP A 45 3.88 -16.95 -15.07
CA ASP A 45 2.50 -17.32 -14.81
C ASP A 45 1.86 -16.51 -13.69
N GLY A 46 2.56 -15.51 -13.17
CA GLY A 46 2.06 -14.77 -12.02
C GLY A 46 2.96 -14.95 -10.81
N LEU A 47 2.38 -14.77 -9.62
CA LEU A 47 3.13 -14.91 -8.36
C LEU A 47 3.64 -16.33 -8.19
N ASP A 48 4.96 -16.48 -8.03
CA ASP A 48 5.60 -17.77 -7.81
C ASP A 48 6.20 -17.80 -6.42
N PHE A 49 5.57 -18.55 -5.51
CA PHE A 49 6.16 -18.93 -4.24
C PHE A 49 6.98 -20.21 -4.42
N GLN A 50 7.64 -20.64 -3.34
CA GLN A 50 8.46 -21.84 -3.45
C GLN A 50 7.61 -23.09 -3.69
N ASP A 51 6.36 -23.08 -3.23
CA ASP A 51 5.42 -24.20 -3.40
C ASP A 51 4.07 -23.73 -2.93
N ASP A 52 3.06 -24.61 -3.09
CA ASP A 52 1.69 -24.23 -2.79
C ASP A 52 1.46 -23.98 -1.31
N ALA A 53 2.15 -24.73 -0.44
CA ALA A 53 2.00 -24.50 0.99
C ALA A 53 2.50 -23.11 1.37
N ALA A 54 3.61 -22.67 0.76
CA ALA A 54 4.17 -21.36 1.06
C ALA A 54 3.26 -20.23 0.58
N GLN A 55 2.67 -20.36 -0.59
CA GLN A 55 1.69 -19.38 -1.04
C GLN A 55 0.49 -19.32 -0.08
N ALA A 56 0.04 -20.48 0.40
CA ALA A 56 -1.11 -20.52 1.29
C ALA A 56 -0.82 -19.80 2.62
N ARG A 57 0.35 -20.02 3.21
CA ARG A 57 0.72 -19.32 4.43
C ARG A 57 0.80 -17.81 4.20
N ALA A 58 1.51 -17.41 3.14
CA ALA A 58 1.65 -15.99 2.84
C ALA A 58 0.30 -15.32 2.70
N PHE A 59 -0.63 -15.95 1.96
CA PHE A 59 -1.93 -15.31 1.76
C PHE A 59 -2.76 -15.31 3.04
N ALA A 60 -2.60 -16.33 3.89
CA ALA A 60 -3.33 -16.33 5.16
C ALA A 60 -2.82 -15.22 6.08
N GLN A 61 -1.50 -15.08 6.19
CA GLN A 61 -0.92 -14.02 7.01
C GLN A 61 -1.23 -12.63 6.47
N GLY A 62 -1.35 -12.49 5.15
CA GLY A 62 -1.59 -11.19 4.57
C GLY A 62 -0.35 -10.35 4.35
N VAL A 63 0.83 -10.95 4.40
CA VAL A 63 2.09 -10.24 4.20
C VAL A 63 3.14 -11.22 3.70
N PHE A 64 3.93 -10.79 2.73
CA PHE A 64 5.03 -11.60 2.23
C PHE A 64 6.03 -10.67 1.55
N LEU A 65 7.17 -11.24 1.17
CA LEU A 65 8.20 -10.49 0.45
C LEU A 65 8.09 -10.77 -1.03
N LEU A 66 8.28 -9.73 -1.85
CA LEU A 66 8.23 -9.83 -3.30
C LEU A 66 9.53 -9.31 -3.90
N GLU A 67 10.21 -10.15 -4.68
CA GLU A 67 11.49 -9.74 -5.25
C GLU A 67 11.30 -8.57 -6.21
N ILE A 68 12.16 -7.58 -6.07
CA ILE A 68 12.13 -6.39 -6.92
C ILE A 68 12.74 -6.76 -8.27
N PRO A 69 12.04 -6.49 -9.39
CA PRO A 69 12.63 -6.77 -10.70
C PRO A 69 13.95 -6.03 -10.88
N GLU A 70 14.92 -6.73 -11.47
CA GLU A 70 16.27 -6.19 -11.59
C GLU A 70 16.31 -4.93 -12.46
N TRP A 71 15.42 -4.81 -13.44
CA TRP A 71 15.43 -3.64 -14.32
C TRP A 71 14.80 -2.40 -13.68
N LEU A 72 14.13 -2.54 -12.54
CA LEU A 72 13.33 -1.46 -11.97
C LEU A 72 14.21 -0.56 -11.11
N ASP A 73 14.26 0.72 -11.46
CA ASP A 73 15.10 1.69 -10.77
C ASP A 73 14.28 2.33 -9.66
N LEU A 74 14.70 2.12 -8.41
CA LEU A 74 14.01 2.71 -7.27
C LEU A 74 14.73 3.92 -6.69
N SER A 75 15.83 4.34 -7.31
CA SER A 75 16.68 5.35 -6.67
C SER A 75 16.03 6.74 -6.67
N ALA A 76 15.24 7.07 -7.69
CA ALA A 76 14.52 8.35 -7.68
C ALA A 76 13.44 8.36 -6.60
N GLY A 77 12.69 7.27 -6.48
CA GLY A 77 11.73 7.17 -5.38
C GLY A 77 12.39 7.23 -4.01
N ASP A 78 13.51 6.53 -3.85
CA ASP A 78 14.27 6.61 -2.60
C ASP A 78 14.65 8.05 -2.29
N ARG A 79 15.17 8.77 -3.30
CA ARG A 79 15.58 10.17 -3.11
C ARG A 79 14.37 11.04 -2.78
N PHE A 80 13.24 10.80 -3.43
CA PHE A 80 12.05 11.59 -3.13
C PHE A 80 11.62 11.43 -1.68
N ALA A 81 11.67 10.19 -1.15
CA ALA A 81 11.26 9.97 0.23
C ALA A 81 12.20 10.67 1.22
N ARG A 82 13.48 10.80 0.88
CA ARG A 82 14.46 11.50 1.71
C ARG A 82 14.34 13.02 1.65
N GLN A 83 13.67 13.56 0.63
CA GLN A 83 13.72 14.99 0.34
C GLN A 83 12.37 15.71 0.43
N PHE A 84 11.24 15.03 0.18
CA PHE A 84 9.99 15.76 -0.11
C PHE A 84 9.60 16.74 0.99
N PHE A 85 9.99 16.46 2.24
CA PHE A 85 9.57 17.26 3.39
C PHE A 85 10.46 18.47 3.63
N GLN A 86 11.52 18.66 2.85
CA GLN A 86 12.57 19.63 3.19
C GLN A 86 12.37 21.03 2.59
N GLY A 87 11.40 21.24 1.69
CA GLY A 87 11.12 22.58 1.20
C GLY A 87 11.91 22.98 -0.03
N THR A 88 11.57 24.14 -0.59
CA THR A 88 12.11 24.55 -1.89
C THR A 88 13.62 24.80 -1.88
N GLY A 89 14.23 25.00 -0.72
CA GLY A 89 15.69 25.10 -0.71
C GLY A 89 16.44 23.83 -1.14
N VAL A 90 15.77 22.68 -1.27
CA VAL A 90 16.46 21.40 -1.47
C VAL A 90 15.94 20.78 -2.77
N GLU A 91 16.86 20.55 -3.72
CA GLU A 91 16.61 20.13 -5.09
C GLU A 91 16.91 18.65 -5.27
N PRO A 92 16.12 17.93 -6.11
CA PRO A 92 15.01 18.42 -6.92
C PRO A 92 13.62 18.26 -6.31
N TYR A 93 13.50 17.65 -5.12
CA TYR A 93 12.18 17.22 -4.64
C TYR A 93 11.66 17.96 -3.43
N GLY A 94 12.47 18.74 -2.72
CA GLY A 94 12.00 19.40 -1.50
C GLY A 94 10.79 20.30 -1.68
N LYS A 95 10.56 20.80 -2.90
CA LYS A 95 9.46 21.74 -3.10
C LYS A 95 8.08 21.10 -2.87
N TYR A 96 7.99 19.76 -2.83
CA TYR A 96 6.67 19.13 -2.66
C TYR A 96 6.11 19.32 -1.25
N ARG A 97 6.96 19.67 -0.27
CA ARG A 97 6.48 20.04 1.05
CA ARG A 97 6.46 20.03 1.05
C ARG A 97 5.41 21.14 0.97
N ASP A 98 5.53 22.04 -0.01
CA ASP A 98 4.64 23.18 -0.16
C ASP A 98 3.27 22.84 -0.74
N LEU A 99 3.04 21.62 -1.21
CA LEU A 99 1.75 21.30 -1.86
C LEU A 99 0.82 20.65 -0.84
N SER A 100 -0.10 21.44 -0.30
CA SER A 100 -1.06 21.00 0.70
CA SER A 100 -1.05 21.00 0.71
C SER A 100 -2.30 20.38 0.05
N SER A 101 -3.20 19.87 0.91
CA SER A 101 -4.53 19.38 0.54
C SER A 101 -5.17 20.21 -0.56
N GLU A 102 -5.15 21.53 -0.34
CA GLU A 102 -6.00 22.46 -1.09
C GLU A 102 -5.62 22.55 -2.56
N HIS A 103 -4.34 22.34 -2.91
CA HIS A 103 -3.96 22.38 -4.31
C HIS A 103 -4.57 21.26 -5.15
N PHE A 104 -5.23 20.28 -4.52
CA PHE A 104 -5.73 19.12 -5.24
C PHE A 104 -7.24 18.89 -5.13
N GLY A 105 -7.95 19.69 -4.33
CA GLY A 105 -9.37 19.48 -4.15
C GLY A 105 -9.72 18.12 -3.55
N ASP A 106 -8.77 17.50 -2.87
CA ASP A 106 -8.95 16.19 -2.28
C ASP A 106 -8.16 16.22 -0.98
N GLU A 107 -8.85 16.22 0.17
CA GLU A 107 -8.14 16.36 1.44
C GLU A 107 -7.10 15.28 1.64
N LEU A 108 -7.23 14.14 0.96
CA LEU A 108 -6.31 13.03 1.18
C LEU A 108 -4.90 13.32 0.69
N LEU A 109 -4.75 14.27 -0.24
CA LEU A 109 -3.55 14.38 -1.05
C LEU A 109 -2.63 15.50 -0.58
N GLY A 110 -1.44 15.53 -1.15
CA GLY A 110 -0.45 16.54 -0.82
C GLY A 110 0.38 16.15 0.39
N TYR A 111 1.04 17.16 0.99
CA TYR A 111 1.85 16.97 2.18
C TYR A 111 0.97 16.91 3.43
N HIS A 112 1.22 15.95 4.31
CA HIS A 112 0.47 15.84 5.55
C HIS A 112 1.43 15.55 6.69
N SER A 113 1.43 16.39 7.71
CA SER A 113 2.11 16.09 8.96
C SER A 113 1.18 15.27 9.85
N ARG A 114 1.61 14.08 10.27
CA ARG A 114 0.76 13.26 11.12
C ARG A 114 1.09 13.48 12.60
N VAL A 115 0.18 13.03 13.47
CA VAL A 115 0.41 13.10 14.92
C VAL A 115 1.48 12.12 15.39
N ASP A 116 1.80 11.10 14.59
CA ASP A 116 2.94 10.23 14.88
C ASP A 116 4.22 10.86 14.34
N GLN A 117 5.35 10.14 14.41
CA GLN A 117 6.59 10.71 13.87
C GLN A 117 6.46 10.98 12.38
N LEU A 118 5.58 10.23 11.71
CA LEU A 118 5.46 10.24 10.27
C LEU A 118 5.00 11.58 9.73
N GLU A 119 5.63 12.01 8.63
CA GLU A 119 5.04 12.97 7.73
C GLU A 119 5.07 12.36 6.33
N GLN A 120 4.12 12.80 5.49
CA GLN A 120 3.86 12.10 4.23
C GLN A 120 3.62 13.07 3.09
N PHE A 121 3.87 12.57 1.86
CA PHE A 121 3.32 13.18 0.66
C PHE A 121 2.56 12.09 -0.09
N LEU A 122 1.27 12.33 -0.33
CA LEU A 122 0.38 11.34 -0.95
C LEU A 122 -0.15 11.92 -2.25
N LEU A 123 -0.09 11.14 -3.32
CA LEU A 123 -0.64 11.64 -4.58
C LEU A 123 -1.28 10.47 -5.32
N GLU A 124 -2.52 10.68 -5.78
CA GLU A 124 -3.25 9.67 -6.53
C GLU A 124 -2.90 9.76 -8.02
N ARG A 125 -3.00 8.63 -8.69
CA ARG A 125 -2.48 8.47 -10.04
C ARG A 125 -3.04 9.51 -11.03
N ARG A 126 -4.27 10.00 -10.82
CA ARG A 126 -4.79 10.96 -11.79
C ARG A 126 -3.97 12.24 -11.82
N PHE A 127 -3.16 12.52 -10.80
CA PHE A 127 -2.31 13.70 -10.75
C PHE A 127 -0.85 13.40 -11.07
N TRP A 128 -0.44 12.14 -11.22
CA TRP A 128 0.99 11.84 -11.31
C TRP A 128 1.65 12.56 -12.48
N GLY A 129 1.05 12.46 -13.67
CA GLY A 129 1.70 13.01 -14.86
C GLY A 129 1.83 14.52 -14.79
N GLU A 130 0.85 15.17 -14.18
CA GLU A 130 0.83 16.63 -14.13
C GLU A 130 1.68 17.18 -12.98
N VAL A 131 1.74 16.49 -11.85
CA VAL A 131 2.23 17.06 -10.61
C VAL A 131 3.57 16.46 -10.17
N TYR A 132 3.73 15.13 -10.32
CA TYR A 132 5.00 14.52 -9.90
C TYR A 132 6.10 14.80 -10.92
N PRO A 133 7.37 14.74 -10.51
CA PRO A 133 8.44 14.69 -11.50
C PRO A 133 8.22 13.50 -12.43
N SER A 134 8.56 13.69 -13.70
CA SER A 134 8.30 12.67 -14.71
C SER A 134 8.87 11.30 -14.31
N GLU A 135 10.08 11.27 -13.73
CA GLU A 135 10.64 9.99 -13.33
C GLU A 135 9.91 9.37 -12.14
N ILE A 136 9.24 10.18 -11.31
CA ILE A 136 8.43 9.64 -10.22
C ILE A 136 7.11 9.07 -10.76
N ALA A 137 6.47 9.77 -11.69
CA ALA A 137 5.28 9.20 -12.33
C ALA A 137 5.62 7.88 -13.02
N THR A 138 6.77 7.81 -13.70
CA THR A 138 7.17 6.54 -14.32
C THR A 138 7.22 5.42 -13.29
N LEU A 139 7.88 5.70 -12.15
CA LEU A 139 7.95 4.71 -11.07
C LEU A 139 6.56 4.27 -10.64
N GLY A 140 5.67 5.23 -10.42
CA GLY A 140 4.32 4.87 -10.02
C GLY A 140 3.61 4.01 -11.04
N GLU A 141 3.87 4.23 -12.34
CA GLU A 141 3.23 3.40 -13.37
C GLU A 141 3.77 1.97 -13.35
N HIS A 142 5.10 1.80 -13.29
CA HIS A 142 5.68 0.47 -13.13
C HIS A 142 5.05 -0.27 -11.95
N LEU A 143 4.95 0.40 -10.79
CA LEU A 143 4.41 -0.26 -9.60
C LEU A 143 2.93 -0.57 -9.75
N THR A 144 2.17 0.26 -10.45
CA THR A 144 0.76 -0.02 -10.67
C THR A 144 0.58 -1.33 -11.43
N LEU A 145 1.38 -1.53 -12.48
CA LEU A 145 1.21 -2.73 -13.30
C LEU A 145 1.78 -3.96 -12.60
N LEU A 146 2.82 -3.78 -11.80
CA LEU A 146 3.32 -4.87 -10.97
C LEU A 146 2.27 -5.28 -9.95
N SER A 147 1.71 -4.29 -9.24
CA SER A 147 0.65 -4.57 -8.28
C SER A 147 -0.56 -5.20 -8.96
N HIS A 148 -0.90 -4.72 -10.16
CA HIS A 148 -1.97 -5.32 -10.92
C HIS A 148 -1.75 -6.82 -11.11
N ARG A 149 -0.53 -7.20 -11.52
CA ARG A 149 -0.22 -8.60 -11.71
C ARG A 149 -0.31 -9.36 -10.39
N VAL A 150 0.19 -8.76 -9.31
CA VAL A 150 0.08 -9.41 -8.00
C VAL A 150 -1.38 -9.63 -7.62
N LEU A 151 -2.20 -8.59 -7.74
CA LEU A 151 -3.59 -8.72 -7.30
C LEU A 151 -4.32 -9.81 -8.07
N ARG A 152 -4.06 -9.94 -9.37
CA ARG A 152 -4.79 -10.93 -10.17
C ARG A 152 -4.43 -12.35 -9.75
N SER A 153 -3.19 -12.58 -9.32
CA SER A 153 -2.83 -13.90 -8.80
CA SER A 153 -2.84 -13.90 -8.79
C SER A 153 -3.58 -14.20 -7.50
N VAL A 154 -3.75 -13.20 -6.64
CA VAL A 154 -4.49 -13.40 -5.39
C VAL A 154 -5.95 -13.70 -5.67
N LEU A 155 -6.57 -12.94 -6.57
CA LEU A 155 -7.98 -13.15 -6.86
C LEU A 155 -8.22 -14.54 -7.43
N ALA A 156 -7.32 -15.01 -8.29
CA ALA A 156 -7.45 -16.35 -8.86
C ALA A 156 -7.42 -17.40 -7.78
N SER A 157 -6.57 -17.23 -6.77
CA SER A 157 -6.48 -18.19 -5.68
C SER A 157 -7.69 -18.11 -4.75
N ALA A 158 -8.49 -17.05 -4.83
CA ALA A 158 -9.64 -16.89 -3.94
C ALA A 158 -10.89 -17.58 -4.44
N GLY A 159 -10.91 -18.05 -5.68
CA GLY A 159 -12.13 -18.67 -6.22
C GLY A 159 -13.27 -17.69 -6.46
N ILE A 160 -12.94 -16.47 -6.88
CA ILE A 160 -13.95 -15.50 -7.32
C ILE A 160 -14.04 -15.60 -8.84
N PRO A 161 -15.23 -15.74 -9.41
CA PRO A 161 -15.35 -15.76 -10.87
C PRO A 161 -14.71 -14.52 -11.50
N GLU A 162 -13.95 -14.77 -12.57
CA GLU A 162 -13.19 -13.70 -13.23
C GLU A 162 -14.08 -12.55 -13.66
N GLU A 163 -15.28 -12.83 -14.13
CA GLU A 163 -16.13 -11.74 -14.57
C GLU A 163 -16.58 -10.85 -13.43
N ASP A 164 -16.38 -11.26 -12.18
CA ASP A 164 -16.68 -10.39 -11.05
C ASP A 164 -15.46 -9.60 -10.55
N TRP A 165 -14.26 -9.84 -11.12
CA TRP A 165 -13.06 -9.23 -10.57
C TRP A 165 -13.09 -7.71 -10.65
N HIS A 166 -13.59 -7.15 -11.76
CA HIS A 166 -13.51 -5.69 -11.90
C HIS A 166 -14.36 -4.98 -10.86
N ARG A 167 -15.58 -5.45 -10.64
CA ARG A 167 -16.44 -4.84 -9.61
C ARG A 167 -15.96 -5.17 -8.20
N ALA A 168 -15.46 -6.39 -7.99
CA ALA A 168 -14.99 -6.74 -6.65
C ALA A 168 -13.77 -5.93 -6.24
N SER A 169 -12.97 -5.50 -7.22
CA SER A 169 -11.71 -4.81 -6.97
C SER A 169 -11.81 -3.32 -7.21
N GLY A 170 -13.01 -2.83 -7.52
CA GLY A 170 -13.16 -1.42 -7.88
C GLY A 170 -12.19 -0.98 -8.95
N GLY A 171 -11.89 -1.84 -9.91
CA GLY A 171 -11.05 -1.52 -11.03
C GLY A 171 -9.61 -1.99 -10.92
N CYS A 172 -9.16 -2.40 -9.73
CA CYS A 172 -7.76 -2.80 -9.55
C CYS A 172 -7.44 -4.12 -10.23
N SER A 173 -8.43 -4.95 -10.59
CA SER A 173 -8.10 -6.13 -11.38
C SER A 173 -7.72 -5.76 -12.81
N GLU A 174 -7.99 -4.52 -13.21
CA GLU A 174 -7.40 -3.99 -14.44
C GLU A 174 -6.49 -2.83 -14.06
N THR A 175 -6.70 -1.64 -14.64
CA THR A 175 -5.91 -0.47 -14.25
C THR A 175 -6.82 0.73 -13.97
N ASN A 176 -8.06 0.48 -13.54
CA ASN A 176 -9.04 1.54 -13.30
C ASN A 176 -9.33 1.75 -11.81
N GLY A 177 -8.49 1.21 -10.92
CA GLY A 177 -8.61 1.49 -9.51
C GLY A 177 -8.12 2.90 -9.19
N SER A 178 -8.08 3.21 -7.89
CA SER A 178 -7.39 4.39 -7.39
C SER A 178 -6.04 3.95 -6.84
N TYR A 179 -4.98 4.68 -7.17
CA TYR A 179 -3.62 4.28 -6.80
C TYR A 179 -2.93 5.46 -6.15
N HIS A 180 -2.48 5.29 -4.92
CA HIS A 180 -1.73 6.34 -4.23
C HIS A 180 -0.30 5.91 -4.14
N LEU A 181 0.60 6.75 -4.65
CA LEU A 181 2.05 6.60 -4.44
C LEU A 181 2.42 7.56 -3.32
N THR A 182 2.83 7.01 -2.19
CA THR A 182 2.88 7.75 -0.94
C THR A 182 4.27 7.64 -0.36
N PHE A 183 4.83 8.77 0.03
CA PHE A 183 6.20 8.86 0.51
C PHE A 183 6.19 9.23 1.99
N ASN A 184 7.04 8.58 2.77
CA ASN A 184 7.00 8.61 4.22
C ASN A 184 8.34 9.06 4.77
N HIS A 185 8.32 9.94 5.76
CA HIS A 185 9.53 10.30 6.48
C HIS A 185 9.22 10.35 7.97
N TYR A 186 10.03 9.67 8.77
CA TYR A 186 9.81 9.56 10.20
C TYR A 186 10.71 10.57 10.91
N ARG A 187 10.09 11.52 11.63
CA ARG A 187 10.83 12.58 12.31
C ARG A 187 11.29 12.06 13.68
N SER A 188 12.55 11.61 13.75
CA SER A 188 13.02 10.98 14.98
C SER A 188 12.96 11.93 16.18
N ALA A 189 12.98 13.25 15.94
CA ALA A 189 12.87 14.21 17.04
C ALA A 189 11.50 14.23 17.69
N HIS A 190 10.46 13.72 17.03
CA HIS A 190 9.12 13.68 17.61
C HIS A 190 9.01 12.47 18.54
N GLN A 191 8.51 12.71 19.76
CA GLN A 191 8.43 11.67 20.78
C GLN A 191 7.10 10.91 20.67
N ASP A 192 6.95 10.25 19.53
CA ASP A 192 5.77 9.47 19.21
C ASP A 192 6.21 8.09 18.74
N ILE A 193 5.24 7.17 18.66
CA ILE A 193 5.47 5.98 17.85
C ILE A 193 5.73 6.44 16.41
N GLY A 194 6.48 5.64 15.66
CA GLY A 194 6.75 5.99 14.28
C GLY A 194 5.48 6.08 13.45
N LEU A 195 4.70 5.00 13.45
CA LEU A 195 3.38 5.02 12.84
C LEU A 195 2.50 4.02 13.60
N SER A 196 1.33 4.47 14.04
CA SER A 196 0.45 3.65 14.85
C SER A 196 0.05 2.37 14.13
N SER A 197 -0.24 1.35 14.92
CA SER A 197 -0.69 0.09 14.34
C SER A 197 -1.98 0.30 13.56
N HIS A 198 -2.09 -0.37 12.43
CA HIS A 198 -3.19 -0.10 11.51
C HIS A 198 -3.20 -1.19 10.45
N LYS A 199 -4.28 -1.22 9.69
CA LYS A 199 -4.38 -1.94 8.45
C LYS A 199 -4.49 -0.91 7.33
N ASP A 200 -3.91 -1.21 6.17
CA ASP A 200 -4.08 -0.31 5.04
C ASP A 200 -5.52 -0.42 4.54
N ASP A 201 -5.95 0.58 3.77
CA ASP A 201 -7.36 0.60 3.33
C ASP A 201 -7.67 -0.44 2.27
N GLY A 202 -6.72 -0.77 1.39
CA GLY A 202 -7.14 -1.23 0.09
C GLY A 202 -6.99 -2.72 -0.15
N PHE A 203 -6.68 -3.10 -1.40
CA PHE A 203 -6.44 -4.51 -1.71
C PHE A 203 -4.98 -4.89 -1.52
N ILE A 204 -4.06 -4.15 -2.15
CA ILE A 204 -2.63 -4.45 -2.12
C ILE A 204 -1.85 -3.20 -1.80
N THR A 205 -0.84 -3.33 -0.93
CA THR A 205 0.18 -2.33 -0.71
C THR A 205 1.53 -2.93 -1.10
N VAL A 206 2.28 -2.24 -1.93
CA VAL A 206 3.63 -2.62 -2.29
C VAL A 206 4.54 -1.62 -1.59
N LEU A 207 5.25 -2.08 -0.58
CA LEU A 207 6.02 -1.22 0.30
C LEU A 207 7.51 -1.35 0.00
N ARG A 208 8.16 -0.22 -0.20
CA ARG A 208 9.60 -0.16 -0.38
C ARG A 208 10.21 0.38 0.91
N THR A 209 11.03 -0.44 1.56
CA THR A 209 11.62 -0.10 2.85
C THR A 209 13.05 -0.61 2.86
N THR A 210 13.97 0.22 3.33
CA THR A 210 15.39 -0.13 3.34
C THR A 210 15.99 -0.02 4.73
N ALA A 211 15.17 0.22 5.76
CA ALA A 211 15.67 0.36 7.11
C ALA A 211 14.69 -0.28 8.08
N GLN A 212 15.22 -0.76 9.20
CA GLN A 212 14.43 -1.35 10.28
C GLN A 212 13.32 -0.43 10.78
N GLY A 213 12.26 -1.01 11.35
CA GLY A 213 11.21 -0.25 11.99
C GLY A 213 9.81 -0.81 11.79
N LEU A 214 9.57 -1.40 10.62
CA LEU A 214 8.28 -2.01 10.34
C LEU A 214 8.10 -3.27 11.19
N GLU A 215 6.95 -3.37 11.84
CA GLU A 215 6.60 -4.53 12.64
C GLU A 215 5.23 -5.01 12.23
N VAL A 216 5.03 -6.34 12.31
CA VAL A 216 3.75 -6.94 11.94
C VAL A 216 3.24 -7.78 13.10
N ASN A 217 1.92 -7.85 13.22
CA ASN A 217 1.26 -8.63 14.26
C ASN A 217 0.44 -9.70 13.53
N ARG A 218 1.10 -10.81 13.18
CA ARG A 218 0.44 -11.85 12.38
C ARG A 218 -0.53 -12.69 13.21
N ASP A 219 -0.08 -13.17 14.37
CA ASP A 219 -0.92 -13.93 15.27
C ASP A 219 -1.35 -13.00 16.39
N ASP A 220 -0.76 -13.08 17.58
CA ASP A 220 -0.92 -12.03 18.58
C ASP A 220 0.41 -11.58 19.16
N VAL A 221 1.50 -11.69 18.39
CA VAL A 221 2.82 -11.23 18.77
C VAL A 221 3.28 -10.18 17.75
N TRP A 222 3.85 -9.09 18.23
CA TRP A 222 4.50 -8.14 17.36
C TRP A 222 5.89 -8.65 16.97
N GLU A 223 6.21 -8.57 15.68
CA GLU A 223 7.48 -9.07 15.17
C GLU A 223 8.07 -8.08 14.17
N LYS A 224 9.40 -7.97 14.16
CA LYS A 224 10.06 -7.12 13.19
C LYS A 224 10.04 -7.75 11.79
N VAL A 225 9.72 -6.94 10.78
CA VAL A 225 9.84 -7.38 9.39
C VAL A 225 11.32 -7.26 8.99
N PRO A 226 11.96 -8.34 8.57
CA PRO A 226 13.38 -8.26 8.23
C PRO A 226 13.60 -7.33 7.05
N VAL A 227 14.71 -6.59 7.09
CA VAL A 227 15.03 -5.62 6.07
C VAL A 227 15.75 -6.33 4.94
N ASP A 228 15.26 -6.15 3.72
CA ASP A 228 15.86 -6.75 2.54
C ASP A 228 15.63 -5.78 1.39
N PRO A 229 16.62 -4.92 1.10
CA PRO A 229 16.42 -3.89 0.06
C PRO A 229 16.28 -4.45 -1.35
N ALA A 230 16.41 -5.77 -1.53
CA ALA A 230 16.11 -6.43 -2.78
C ALA A 230 14.67 -6.91 -2.90
N CYS A 231 13.84 -6.71 -1.86
CA CYS A 231 12.44 -7.14 -1.89
C CYS A 231 11.53 -5.99 -1.50
N PHE A 232 10.34 -5.95 -2.12
CA PHE A 232 9.25 -5.20 -1.55
C PHE A 232 8.60 -6.02 -0.43
N VAL A 233 7.94 -5.33 0.48
CA VAL A 233 6.97 -5.96 1.37
C VAL A 233 5.60 -5.77 0.75
N VAL A 234 4.85 -6.86 0.62
CA VAL A 234 3.50 -6.82 0.06
C VAL A 234 2.53 -7.14 1.18
N ASN A 235 1.55 -6.26 1.40
CA ASN A 235 0.50 -6.70 2.29
CA ASN A 235 0.49 -6.36 2.41
C ASN A 235 -0.87 -6.40 1.71
N PHE A 236 -1.85 -7.04 2.33
CA PHE A 236 -3.25 -6.88 1.98
C PHE A 236 -3.86 -5.84 2.89
N GLY A 237 -4.80 -5.07 2.35
CA GLY A 237 -5.50 -4.08 3.13
C GLY A 237 -6.91 -4.51 3.49
N LEU A 238 -7.63 -3.58 4.11
CA LEU A 238 -8.96 -3.89 4.62
C LEU A 238 -9.90 -4.34 3.52
N SER A 239 -9.76 -3.81 2.31
CA SER A 239 -10.67 -4.20 1.24
C SER A 239 -10.48 -5.65 0.86
N MET A 240 -9.24 -6.15 0.90
CA MET A 240 -9.02 -7.56 0.65
C MET A 240 -9.69 -8.42 1.72
N GLU A 241 -9.56 -8.01 2.99
CA GLU A 241 -10.20 -8.70 4.10
C GLU A 241 -11.72 -8.73 3.93
N ILE A 242 -12.33 -7.57 3.68
CA ILE A 242 -13.77 -7.49 3.49
C ILE A 242 -14.21 -8.38 2.32
N LEU A 243 -13.51 -8.26 1.19
CA LEU A 243 -13.89 -9.00 -0.02
C LEU A 243 -13.94 -10.50 0.20
N THR A 244 -12.99 -11.04 0.97
CA THR A 244 -12.82 -12.48 1.13
C THR A 244 -13.30 -13.00 2.48
N SER A 245 -13.98 -12.16 3.27
CA SER A 245 -14.36 -12.54 4.63
C SER A 245 -15.32 -13.74 4.68
N ALA A 246 -16.08 -13.98 3.62
CA ALA A 246 -17.00 -15.11 3.58
C ALA A 246 -16.45 -16.29 2.80
N CYS A 247 -15.25 -16.17 2.22
CA CYS A 247 -14.69 -17.28 1.48
C CYS A 247 -14.31 -18.41 2.42
N VAL A 248 -13.96 -19.56 1.82
CA VAL A 248 -13.56 -20.70 2.62
C VAL A 248 -12.23 -20.41 3.31
N THR A 249 -11.34 -19.67 2.64
CA THR A 249 -10.06 -19.25 3.22
C THR A 249 -10.05 -17.73 3.21
N PRO A 250 -10.61 -17.08 4.24
CA PRO A 250 -10.57 -15.61 4.27
C PRO A 250 -9.13 -15.13 4.32
N LEU A 251 -8.84 -14.06 3.58
CA LEU A 251 -7.53 -13.44 3.58
C LEU A 251 -7.57 -12.24 4.52
N SER A 252 -6.52 -12.06 5.30
CA SER A 252 -6.57 -11.01 6.31
C SER A 252 -5.70 -9.82 5.92
N ALA A 253 -6.10 -8.65 6.40
CA ALA A 253 -5.29 -7.44 6.31
C ALA A 253 -4.34 -7.43 7.50
N ILE A 254 -3.05 -7.35 7.22
CA ILE A 254 -2.06 -7.46 8.28
C ILE A 254 -2.06 -6.19 9.11
N MET A 255 -2.14 -6.34 10.42
CA MET A 255 -1.89 -5.25 11.37
C MET A 255 -0.40 -4.98 11.39
N HIS A 256 0.00 -3.72 11.16
CA HIS A 256 1.42 -3.38 11.16
C HIS A 256 1.62 -1.98 11.73
N ARG A 257 2.86 -1.71 12.13
CA ARG A 257 3.21 -0.41 12.68
C ARG A 257 4.67 -0.12 12.38
N VAL A 258 5.10 1.11 12.67
CA VAL A 258 6.51 1.47 12.61
C VAL A 258 6.92 1.94 14.00
N SER A 259 7.89 1.27 14.59
CA SER A 259 8.27 1.57 15.96
C SER A 259 8.88 2.97 16.05
N HIS A 260 8.89 3.52 17.26
CA HIS A 260 9.56 4.79 17.50
C HIS A 260 10.97 4.77 16.90
N GLN A 261 11.27 5.79 16.11
CA GLN A 261 12.56 5.90 15.42
C GLN A 261 13.45 6.86 16.19
N ASN A 262 14.65 6.40 16.52
CA ASN A 262 15.64 7.27 17.18
C ASN A 262 16.52 8.01 16.18
N PHE A 263 16.62 7.49 14.97
CA PHE A 263 17.20 8.20 13.84
C PHE A 263 16.15 8.28 12.74
N ASP A 264 16.36 9.21 11.81
CA ASP A 264 15.39 9.38 10.75
C ASP A 264 15.23 8.10 9.93
N ARG A 265 14.06 7.98 9.31
CA ARG A 265 13.73 6.82 8.50
C ARG A 265 12.82 7.32 7.39
N SER A 266 12.94 6.75 6.19
CA SER A 266 12.02 7.06 5.12
C SER A 266 11.68 5.77 4.37
N SER A 267 10.61 5.85 3.58
CA SER A 267 10.10 4.69 2.85
C SER A 267 9.03 5.22 1.91
N PHE A 268 8.53 4.36 1.05
CA PHE A 268 7.38 4.76 0.26
C PHE A 268 6.59 3.52 -0.10
N GLY A 269 5.34 3.73 -0.49
CA GLY A 269 4.51 2.60 -0.86
C GLY A 269 3.53 2.97 -1.96
N HIS A 270 3.11 1.94 -2.67
CA HIS A 270 2.09 2.02 -3.71
C HIS A 270 0.86 1.30 -3.19
N PHE A 271 -0.25 2.02 -3.15
CA PHE A 271 -1.49 1.56 -2.52
C PHE A 271 -2.58 1.45 -3.58
N SER A 272 -3.24 0.29 -3.64
CA SER A 272 -4.31 0.02 -4.59
C SER A 272 -5.65 -0.07 -3.87
N SER A 273 -6.60 0.77 -4.28
CA SER A 273 -7.91 0.82 -3.67
C SER A 273 -8.98 0.79 -4.74
N SER A 274 -10.18 0.35 -4.35
CA SER A 274 -11.35 0.56 -5.17
C SER A 274 -11.47 2.03 -5.51
N ARG A 275 -11.71 2.33 -6.80
CA ARG A 275 -11.75 3.72 -7.24
C ARG A 275 -12.55 4.60 -6.27
N CYS A 276 -11.91 5.67 -5.77
CA CYS A 276 -12.45 6.51 -4.71
C CYS A 276 -12.40 7.99 -5.07
N LEU A 277 -12.54 8.32 -6.36
CA LEU A 277 -12.53 9.72 -6.75
C LEU A 277 -13.69 10.46 -6.10
N PRO A 278 -13.56 11.76 -5.85
CA PRO A 278 -14.72 12.54 -5.43
C PRO A 278 -15.79 12.49 -6.52
N GLY A 279 -16.97 12.00 -6.15
CA GLY A 279 -18.08 11.90 -7.09
C GLY A 279 -18.06 10.71 -8.03
N ALA A 280 -17.10 9.79 -7.91
CA ALA A 280 -17.04 8.61 -8.77
C ALA A 280 -16.43 7.47 -7.96
N ASP A 281 -17.21 6.96 -7.02
CA ASP A 281 -16.76 5.98 -6.03
C ASP A 281 -17.28 4.61 -6.44
N ASP A 282 -16.38 3.64 -6.63
CA ASP A 282 -16.79 2.30 -7.06
C ASP A 282 -17.34 1.44 -5.93
N GLY A 283 -17.09 1.81 -4.67
CA GLY A 283 -17.63 1.06 -3.55
C GLY A 283 -16.78 -0.14 -3.15
N ILE A 284 -17.10 -0.67 -1.97
CA ILE A 284 -16.43 -1.80 -1.36
C ILE A 284 -17.43 -2.95 -1.26
N TYR A 285 -17.02 -4.15 -1.65
CA TYR A 285 -17.91 -5.30 -1.77
C TYR A 285 -17.34 -6.51 -1.05
N ARG A 286 -18.23 -7.37 -0.56
CA ARG A 286 -17.81 -8.68 -0.08
C ARG A 286 -18.37 -9.73 -1.03
N TYR A 287 -17.58 -10.77 -1.28
CA TYR A 287 -17.98 -11.83 -2.19
C TYR A 287 -18.73 -12.92 -1.41
N LEU A 288 -19.97 -13.19 -1.80
CA LEU A 288 -20.74 -14.26 -1.20
C LEU A 288 -20.65 -15.47 -2.09
N PRO A 289 -19.93 -16.53 -1.69
CA PRO A 289 -19.75 -17.69 -2.57
C PRO A 289 -21.09 -18.25 -3.02
N SER A 290 -21.18 -18.53 -4.32
CA SER A 290 -22.33 -19.07 -5.06
C SER A 290 -23.41 -18.00 -5.27
N ALA A 291 -23.22 -16.77 -4.78
CA ALA A 291 -24.25 -15.73 -4.93
C ALA A 291 -23.75 -14.54 -5.74
N GLY A 292 -22.68 -13.89 -5.33
CA GLY A 292 -22.17 -12.72 -6.00
C GLY A 292 -21.68 -11.70 -4.99
N LEU A 293 -21.57 -10.46 -5.44
CA LEU A 293 -20.99 -9.38 -4.65
C LEU A 293 -22.07 -8.60 -3.94
N GLU A 294 -21.84 -8.28 -2.68
CA GLU A 294 -22.75 -7.46 -1.90
C GLU A 294 -22.03 -6.20 -1.46
N ARG A 295 -22.64 -5.04 -1.69
CA ARG A 295 -22.00 -3.78 -1.35
C ARG A 295 -21.92 -3.60 0.17
N VAL A 296 -20.76 -3.13 0.63
CA VAL A 296 -20.49 -2.95 2.05
C VAL A 296 -20.45 -1.46 2.43
N CYS A 297 -19.68 -0.66 1.70
CA CYS A 297 -19.62 0.79 1.95
C CYS A 297 -18.93 1.44 0.76
N GLY A 298 -18.67 2.75 0.87
CA GLY A 298 -17.91 3.45 -0.15
C GLY A 298 -16.41 3.29 0.06
N SER A 299 -15.66 3.42 -1.04
CA SER A 299 -14.21 3.34 -0.95
C SER A 299 -13.64 4.52 -0.18
N ARG A 300 -14.02 5.74 -0.57
CA ARG A 300 -13.57 6.94 0.16
C ARG A 300 -14.05 6.92 1.60
N GLU A 301 -15.30 6.49 1.80
CA GLU A 301 -15.84 6.30 3.15
C GLU A 301 -14.92 5.41 3.99
N LEU A 302 -14.51 4.26 3.44
CA LEU A 302 -13.63 3.37 4.19
C LEU A 302 -12.28 4.02 4.49
N ILE A 303 -11.73 4.76 3.52
CA ILE A 303 -10.43 5.42 3.71
C ILE A 303 -10.54 6.47 4.83
N GLU A 304 -11.60 7.28 4.79
CA GLU A 304 -11.75 8.33 5.79
C GLU A 304 -11.92 7.76 7.19
N GLU A 305 -12.77 6.73 7.32
CA GLU A 305 -12.95 6.13 8.64
C GLU A 305 -11.67 5.47 9.12
N ASN A 306 -10.93 4.81 8.23
CA ASN A 306 -9.70 4.15 8.63
C ASN A 306 -8.66 5.16 9.08
N ASP A 307 -8.44 6.21 8.27
CA ASP A 307 -7.50 7.25 8.64
C ASP A 307 -7.86 7.85 10.00
N HIS A 308 -9.16 8.08 10.24
CA HIS A 308 -9.60 8.62 11.52
C HIS A 308 -9.17 7.73 12.69
N GLU A 309 -9.35 6.42 12.56
CA GLU A 309 -9.04 5.53 13.68
C GLU A 309 -7.54 5.37 13.89
N ILE A 310 -6.77 5.35 12.79
CA ILE A 310 -5.31 5.23 12.89
C ILE A 310 -4.73 6.33 13.78
N TYR A 311 -5.19 7.57 13.56
CA TYR A 311 -4.55 8.77 14.11
C TYR A 311 -5.37 9.43 15.21
N MET A 312 -6.21 8.68 15.92
CA MET A 312 -6.97 9.21 17.06
C MET A 312 -7.66 8.05 17.77
C1 5P0 B . -3.50 4.95 1.00
C2 5P0 B . -2.13 5.48 1.48
C4 5P0 B . -2.49 4.64 3.78
C5 5P0 B . -3.57 3.79 3.24
C9 5P0 B . -2.12 4.54 5.07
C10 5P0 B . -4.45 6.13 0.86
C11 5P0 B . -1.31 5.61 5.79
C12 5P0 B . -2.09 6.97 5.90
C14 5P0 B . -0.99 5.09 7.22
C16 5P0 B . -5.82 5.66 0.43
C17 5P0 B . -4.59 6.89 2.20
C18 5P0 B . -5.31 8.24 1.97
N3 5P0 B . -1.73 5.32 2.79
N6 5P0 B . -4.02 3.97 1.95
O7 5P0 B . -4.12 2.93 3.91
O8 5P0 B . -1.37 6.09 0.74
O13 5P0 B . -1.31 7.82 6.70
O15 5P0 B . -0.17 5.81 4.99
O19 5P0 B . -5.21 8.98 3.17
C1 AKG C . 1.91 3.12 5.48
O1 AKG C . 0.77 2.64 5.30
O2 AKG C . 2.15 4.29 5.14
C2 AKG C . 2.94 2.30 6.11
O5 AKG C . 2.63 1.26 6.67
C3 AKG C . 4.41 2.71 6.09
C4 AKG C . 5.25 1.58 6.66
C5 AKG C . 6.74 1.89 6.58
O3 AKG C . 7.55 0.94 6.62
O4 AKG C . 7.10 3.08 6.48
FE FE2 D . 0.49 0.64 6.26
C1 GOL E . -8.39 0.54 13.82
O1 GOL E . -8.92 -0.45 14.69
C2 GOL E . -7.90 -0.10 12.52
O2 GOL E . -7.16 -1.27 12.81
C3 GOL E . -7.02 0.91 11.79
O3 GOL E . -6.49 0.34 10.62
C1 GOL F . -6.16 -7.91 -18.52
O1 GOL F . -5.55 -7.74 -17.26
C2 GOL F . -6.81 -9.28 -18.56
O2 GOL F . -8.21 -9.15 -18.52
C3 GOL F . -6.33 -10.06 -19.80
O3 GOL F . -6.73 -9.44 -21.02
C1 GOL G . -1.30 -9.48 -15.80
O1 GOL G . -2.25 -10.32 -15.19
C2 GOL G . -1.75 -8.95 -17.16
O2 GOL G . -2.88 -8.11 -17.10
C3 GOL G . -1.96 -10.07 -18.17
O3 GOL G . -1.58 -9.56 -19.42
CL CL H . 8.22 19.11 10.29
CL CL I . -10.02 15.86 -7.01
#